data_4KS5
#
_entry.id   4KS5
#
_cell.length_a   90.279
_cell.length_b   90.279
_cell.length_c   94.680
_cell.angle_alpha   90.00
_cell.angle_beta   90.00
_cell.angle_gamma   90.00
#
_symmetry.space_group_name_H-M   'I 4'
#
loop_
_entity.id
_entity.type
_entity.pdbx_description
1 polymer Neuraminidase
2 non-polymer 'CALCIUM ION'
3 non-polymer '(3S,4R,5R)-4-(acetylamino)-3-[4-(2-hydroxypropan-2-yl)-1H-1,2,3-triazol-1-yl]-5-(pentan-3-yloxy)cyclohex-1-ene-1-carboxylic acid'
4 water water
#
_entity_poly.entity_id   1
_entity_poly.type   'polypeptide(L)'
_entity_poly.pdbx_seq_one_letter_code
;TYMNNTEAICDVKGFAPFSKDNGIRIGSRGHIFVIREPFVSCSPIECRTFFLTQGSLLNDKHSNGTVKDRSPFRTLMSVK
VGQSPNVYQARFEAVAWSATACHDGKKWMTVGVTGPDSKAVAVIHYGGVPTDVINSWAGDILRTQESSCTCIQGDCYWVM
TDGPANRQAQYRIYKANQGRIIGQADISFNGGHIEECSCYPNDGKVECVCRDNWTGTNRPVLVISPDLSYRVGYLCAGIP
SDTPRGEDAQFTGSCTSPMGNQGYGVKGFGFRQGTDVWMGRTISRTSRSGFEILRIKNGWTQTSKEQVRKQVVVDNLNWS
GYSGSFTLPVELSGKDCLVPCFWVEMIRGKPEEKTIWTSSSSIVMCGVDYEIADWSWHDGAILPFDIDKM
;
_entity_poly.pdbx_strand_id   A
#
loop_
_chem_comp.id
_chem_comp.type
_chem_comp.name
_chem_comp.formula
1SO non-polymer '(3S,4R,5R)-4-(acetylamino)-3-[4-(2-hydroxypropan-2-yl)-1H-1,2,3-triazol-1-yl]-5-(pentan-3-yloxy)cyclohex-1-ene-1-carboxylic acid' 'C19 H30 N4 O5'
CA non-polymer 'CALCIUM ION' 'Ca 2'
#
# COMPACT_ATOMS: atom_id res chain seq x y z
N THR A 1 -8.42 -14.36 -20.98
CA THR A 1 -9.41 -14.78 -20.00
C THR A 1 -9.23 -14.01 -18.71
N TYR A 2 -10.34 -13.65 -18.08
CA TYR A 2 -10.33 -12.83 -16.88
C TYR A 2 -9.97 -13.62 -15.64
N MET A 3 -9.05 -13.07 -14.86
CA MET A 3 -8.55 -13.71 -13.66
C MET A 3 -9.63 -13.69 -12.60
N ASN A 4 -10.15 -14.86 -12.21
CA ASN A 4 -11.28 -15.00 -11.26
C ASN A 4 -11.29 -14.22 -9.91
N ASN A 5 -10.30 -14.47 -9.06
CA ASN A 5 -10.22 -13.82 -7.75
C ASN A 5 -11.52 -13.73 -6.93
N THR A 6 -12.24 -14.85 -6.88
CA THR A 6 -13.48 -15.00 -6.16
C THR A 6 -13.29 -15.84 -4.91
N GLU A 7 -12.12 -16.45 -4.79
CA GLU A 7 -11.86 -17.40 -3.72
C GLU A 7 -11.53 -16.67 -2.44
N ALA A 8 -11.30 -17.42 -1.37
CA ALA A 8 -11.04 -16.80 -0.08
C ALA A 8 -9.57 -16.64 0.21
N ILE A 9 -9.26 -15.83 1.21
CA ILE A 9 -7.90 -15.65 1.63
C ILE A 9 -7.40 -16.90 2.32
N CYS A 10 -6.18 -17.30 2.01
CA CYS A 10 -5.55 -18.46 2.62
C CYS A 10 -5.30 -18.21 4.08
N ASP A 11 -5.66 -19.17 4.93
CA ASP A 11 -5.31 -19.06 6.33
C ASP A 11 -3.87 -19.40 6.50
N VAL A 12 -3.10 -18.44 6.97
CA VAL A 12 -1.67 -18.60 7.02
C VAL A 12 -1.12 -18.41 8.41
N LYS A 13 -0.07 -19.15 8.73
CA LYS A 13 0.50 -19.11 10.06
C LYS A 13 1.74 -18.26 10.06
N GLY A 14 2.15 -17.83 8.88
CA GLY A 14 3.32 -16.99 8.76
C GLY A 14 3.63 -16.52 7.37
N PHE A 15 4.68 -15.73 7.27
CA PHE A 15 5.08 -15.14 6.00
C PHE A 15 6.53 -15.40 5.65
N ALA A 16 6.75 -16.09 4.55
CA ALA A 16 8.09 -16.34 4.04
C ALA A 16 8.46 -15.27 3.01
N PRO A 17 9.74 -14.90 2.97
CA PRO A 17 10.17 -13.81 2.10
C PRO A 17 10.00 -14.07 0.60
N PHE A 18 9.62 -13.02 -0.11
CA PHE A 18 9.43 -13.06 -1.55
C PHE A 18 10.64 -12.45 -2.21
N SER A 19 10.95 -11.21 -1.85
CA SER A 19 12.03 -10.51 -2.52
C SER A 19 12.72 -9.45 -1.71
N LYS A 20 13.82 -8.96 -2.27
CA LYS A 20 14.53 -7.81 -1.76
C LYS A 20 15.41 -7.27 -2.87
N ASP A 21 15.30 -5.98 -3.15
CA ASP A 21 15.89 -5.42 -4.36
C ASP A 21 17.15 -4.62 -4.14
N ASN A 22 17.38 -4.21 -2.90
CA ASN A 22 18.60 -3.52 -2.51
C ASN A 22 18.99 -2.35 -3.39
N GLY A 23 18.02 -1.70 -4.00
CA GLY A 23 18.29 -0.65 -4.96
C GLY A 23 19.17 0.48 -4.47
N ILE A 24 19.00 0.86 -3.21
CA ILE A 24 19.77 1.94 -2.65
C ILE A 24 21.18 1.48 -2.39
N ARG A 25 21.35 0.18 -2.26
CA ARG A 25 22.68 -0.40 -2.15
C ARG A 25 23.27 -0.56 -3.54
N ILE A 26 22.46 -1.06 -4.46
CA ILE A 26 22.86 -1.13 -5.85
C ILE A 26 23.13 0.26 -6.40
N GLY A 27 22.31 1.22 -6.00
CA GLY A 27 22.36 2.56 -6.55
C GLY A 27 23.48 3.40 -6.04
N SER A 28 24.43 2.81 -5.33
CA SER A 28 25.60 3.55 -4.92
C SER A 28 26.45 3.74 -6.16
N ARG A 29 26.42 2.77 -7.06
CA ARG A 29 27.13 2.89 -8.32
C ARG A 29 26.25 2.75 -9.55
N GLY A 30 25.12 2.08 -9.39
CA GLY A 30 24.23 1.82 -10.50
C GLY A 30 23.36 2.98 -10.89
N HIS A 31 22.39 2.70 -11.75
CA HIS A 31 21.44 3.70 -12.18
C HIS A 31 20.07 3.35 -11.71
N ILE A 32 19.70 3.89 -10.55
CA ILE A 32 18.49 3.52 -9.87
C ILE A 32 17.64 4.75 -9.65
N PHE A 33 16.34 4.59 -9.84
CA PHE A 33 15.43 5.69 -9.63
C PHE A 33 15.27 5.97 -8.14
N VAL A 34 15.44 7.24 -7.78
CA VAL A 34 15.02 7.70 -6.48
C VAL A 34 13.51 7.55 -6.50
N ILE A 35 12.99 6.63 -5.69
CA ILE A 35 11.58 6.33 -5.75
C ILE A 35 10.96 6.59 -4.39
N ARG A 36 9.64 6.52 -4.37
CA ARG A 36 8.86 6.66 -3.16
C ARG A 36 7.58 5.90 -3.42
N GLU A 37 7.10 5.21 -2.39
CA GLU A 37 5.85 4.46 -2.46
C GLU A 37 5.83 3.32 -3.48
N PRO A 38 6.67 2.30 -3.25
CA PRO A 38 6.64 1.09 -4.06
C PRO A 38 5.48 0.24 -3.66
N PHE A 39 5.05 -0.65 -4.54
CA PHE A 39 4.00 -1.59 -4.22
C PHE A 39 3.92 -2.72 -5.23
N VAL A 40 3.33 -3.82 -4.80
CA VAL A 40 3.34 -5.03 -5.61
C VAL A 40 1.93 -5.46 -5.97
N SER A 41 1.74 -5.77 -7.25
CA SER A 41 0.56 -6.45 -7.73
C SER A 41 1.06 -7.55 -8.64
N CYS A 42 0.22 -8.54 -8.87
CA CYS A 42 0.61 -9.68 -9.67
C CYS A 42 -0.38 -9.93 -10.78
N SER A 43 0.15 -10.36 -11.92
CA SER A 43 -0.67 -10.79 -13.03
C SER A 43 -0.72 -12.30 -12.93
N PRO A 44 -1.50 -12.97 -13.78
CA PRO A 44 -1.47 -14.43 -13.68
C PRO A 44 -0.21 -15.06 -14.28
N ILE A 45 0.89 -14.31 -14.32
CA ILE A 45 2.14 -14.78 -14.87
C ILE A 45 3.34 -14.20 -14.12
N GLU A 46 3.19 -13.00 -13.61
CA GLU A 46 4.28 -12.39 -12.86
C GLU A 46 3.82 -11.28 -11.93
N CYS A 47 4.67 -10.99 -10.95
CA CYS A 47 4.38 -9.91 -10.03
C CYS A 47 5.39 -8.83 -10.28
N ARG A 48 4.92 -7.59 -10.34
CA ARG A 48 5.78 -6.46 -10.60
C ARG A 48 5.76 -5.46 -9.46
N THR A 49 6.82 -4.69 -9.35
CA THR A 49 6.88 -3.63 -8.36
C THR A 49 6.68 -2.26 -9.01
N PHE A 50 5.64 -1.57 -8.57
CA PHE A 50 5.37 -0.22 -9.01
C PHE A 50 6.00 0.77 -8.06
N PHE A 51 6.12 2.01 -8.49
CA PHE A 51 6.80 3.04 -7.74
C PHE A 51 6.60 4.39 -8.42
N LEU A 52 7.01 5.47 -7.78
CA LEU A 52 6.89 6.78 -8.37
C LEU A 52 8.25 7.44 -8.47
N THR A 53 8.48 8.20 -9.54
CA THR A 53 9.79 8.79 -9.78
C THR A 53 9.79 10.30 -9.78
N GLN A 54 10.97 10.90 -9.76
CA GLN A 54 11.12 12.31 -10.02
C GLN A 54 11.88 12.45 -11.33
N GLY A 55 12.13 11.33 -11.98
CA GLY A 55 13.01 11.31 -13.12
C GLY A 55 14.44 11.57 -12.70
N SER A 56 14.74 11.26 -11.45
CA SER A 56 16.09 11.42 -10.94
C SER A 56 16.75 10.09 -10.69
N LEU A 57 17.99 10.15 -10.24
CA LEU A 57 18.78 8.96 -9.96
C LEU A 57 19.48 9.11 -8.62
N LEU A 58 19.82 7.98 -8.02
CA LEU A 58 20.63 8.00 -6.82
C LEU A 58 22.01 8.52 -7.13
N ASN A 59 22.53 9.35 -6.25
CA ASN A 59 23.85 9.97 -6.36
C ASN A 59 23.93 11.11 -7.36
N ASP A 60 22.77 11.56 -7.81
CA ASP A 60 22.66 12.64 -8.77
C ASP A 60 22.33 13.90 -8.02
N LYS A 61 22.49 15.04 -8.69
CA LYS A 61 22.13 16.32 -8.09
C LYS A 61 20.65 16.48 -8.24
N HIS A 62 20.04 15.62 -9.04
CA HIS A 62 18.63 15.72 -9.36
C HIS A 62 17.86 14.95 -8.33
N SER A 63 18.60 14.38 -7.40
CA SER A 63 18.05 13.68 -6.26
C SER A 63 18.00 14.61 -5.06
N ASN A 64 18.33 15.88 -5.27
CA ASN A 64 18.48 16.85 -4.19
C ASN A 64 17.24 17.02 -3.32
N GLY A 65 16.11 16.52 -3.80
CA GLY A 65 14.96 16.37 -2.94
C GLY A 65 14.28 17.67 -2.58
N THR A 66 15.01 18.77 -2.74
CA THR A 66 14.44 20.09 -2.62
C THR A 66 13.41 20.15 -3.71
N VAL A 67 13.74 19.51 -4.83
CA VAL A 67 12.76 19.22 -5.84
C VAL A 67 11.62 18.63 -5.04
N LYS A 68 10.41 19.14 -5.27
CA LYS A 68 9.26 18.84 -4.40
C LYS A 68 8.71 17.45 -4.63
N ASP A 69 7.67 17.12 -3.87
CA ASP A 69 7.01 15.82 -3.93
C ASP A 69 5.84 15.67 -4.92
N ARG A 70 4.90 16.61 -4.85
CA ARG A 70 3.80 16.68 -5.80
C ARG A 70 4.29 17.53 -6.96
N SER A 71 4.94 16.87 -7.90
CA SER A 71 5.74 17.55 -8.91
C SER A 71 5.28 16.97 -10.26
N PRO A 72 5.57 17.68 -11.36
CA PRO A 72 5.23 17.20 -12.69
C PRO A 72 6.21 16.17 -13.22
N PHE A 73 7.40 16.13 -12.65
CA PHE A 73 8.41 15.18 -13.07
C PHE A 73 8.09 13.81 -12.50
N ARG A 74 6.95 13.70 -11.86
CA ARG A 74 6.57 12.49 -11.17
C ARG A 74 5.87 11.52 -12.08
N THR A 75 6.43 10.32 -12.17
CA THR A 75 5.89 9.28 -13.03
C THR A 75 5.69 7.98 -12.29
N LEU A 76 4.81 7.14 -12.82
CA LEU A 76 4.66 5.80 -12.35
C LEU A 76 5.38 4.87 -13.30
N MET A 77 6.34 4.12 -12.79
CA MET A 77 6.97 3.05 -13.54
C MET A 77 6.91 1.72 -12.80
N SER A 78 7.16 0.63 -13.52
CA SER A 78 7.21 -0.68 -12.90
C SER A 78 8.43 -1.47 -13.31
N VAL A 79 8.83 -2.38 -12.42
CA VAL A 79 9.83 -3.39 -12.69
C VAL A 79 9.30 -4.68 -12.09
N LYS A 80 9.99 -5.78 -12.36
CA LYS A 80 9.63 -7.06 -11.77
C LYS A 80 9.94 -7.07 -10.28
N VAL A 81 9.18 -7.84 -9.52
CA VAL A 81 9.40 -7.92 -8.08
C VAL A 81 10.77 -8.48 -7.74
N GLY A 82 11.55 -7.71 -7.01
CA GLY A 82 12.89 -8.10 -6.65
C GLY A 82 13.98 -7.36 -7.41
N GLN A 83 13.67 -6.95 -8.64
CA GLN A 83 14.54 -6.12 -9.43
C GLN A 83 14.44 -4.75 -8.84
N SER A 84 15.52 -4.00 -8.92
CA SER A 84 15.50 -2.64 -8.45
C SER A 84 14.82 -1.75 -9.49
N PRO A 85 14.35 -0.57 -9.08
CA PRO A 85 13.79 0.35 -10.06
C PRO A 85 14.90 1.08 -10.78
N ASN A 86 15.46 0.43 -11.79
CA ASN A 86 16.54 1.00 -12.57
C ASN A 86 16.03 1.47 -13.92
N VAL A 87 16.81 2.34 -14.55
CA VAL A 87 16.47 2.97 -15.82
C VAL A 87 16.33 2.00 -16.97
N TYR A 88 16.96 0.85 -16.84
CA TYR A 88 17.18 -0.02 -17.98
C TYR A 88 16.33 -1.28 -17.88
N GLN A 89 15.52 -1.35 -16.83
CA GLN A 89 14.61 -2.45 -16.63
C GLN A 89 13.20 -1.94 -16.32
N ALA A 90 13.02 -0.63 -16.48
CA ALA A 90 11.76 0.01 -16.13
C ALA A 90 10.79 0.13 -17.30
N ARG A 91 9.53 -0.04 -16.97
CA ARG A 91 8.45 0.05 -17.91
C ARG A 91 7.59 1.24 -17.52
N PHE A 92 7.35 2.16 -18.45
CA PHE A 92 6.58 3.33 -18.14
C PHE A 92 5.10 3.03 -18.03
N GLU A 93 4.49 3.56 -16.97
CA GLU A 93 3.10 3.28 -16.66
C GLU A 93 2.21 4.51 -16.71
N ALA A 94 2.63 5.60 -16.07
CA ALA A 94 1.85 6.83 -16.03
C ALA A 94 2.60 8.01 -15.41
N VAL A 95 2.14 9.21 -15.73
CA VAL A 95 2.58 10.42 -15.04
C VAL A 95 1.79 10.47 -13.75
N ALA A 96 2.48 10.39 -12.62
CA ALA A 96 1.79 10.12 -11.38
C ALA A 96 2.54 10.57 -10.14
N TRP A 97 1.87 11.36 -9.31
CA TRP A 97 2.36 11.60 -7.96
C TRP A 97 1.54 10.83 -6.94
N SER A 98 0.64 10.00 -7.44
CA SER A 98 -0.14 9.11 -6.62
C SER A 98 -0.71 8.05 -7.54
N ALA A 99 -0.72 6.80 -7.11
CA ALA A 99 -1.10 5.74 -8.02
C ALA A 99 -1.76 4.50 -7.44
N THR A 100 -2.28 3.70 -8.34
CA THR A 100 -2.66 2.34 -8.07
C THR A 100 -2.55 1.57 -9.38
N ALA A 101 -2.26 0.29 -9.30
CA ALA A 101 -2.10 -0.52 -10.48
C ALA A 101 -2.57 -1.93 -10.22
N CYS A 102 -3.15 -2.54 -11.23
CA CYS A 102 -3.74 -3.85 -11.05
C CYS A 102 -3.94 -4.53 -12.40
N HIS A 103 -4.00 -5.85 -12.37
CA HIS A 103 -4.13 -6.64 -13.57
C HIS A 103 -5.37 -7.51 -13.42
N ASP A 104 -6.04 -7.81 -14.52
CA ASP A 104 -7.31 -8.52 -14.44
C ASP A 104 -7.32 -9.86 -15.15
N GLY A 105 -6.18 -10.24 -15.71
CA GLY A 105 -6.07 -11.48 -16.42
C GLY A 105 -5.60 -11.22 -17.83
N LYS A 106 -6.02 -10.08 -18.38
CA LYS A 106 -5.60 -9.69 -19.71
C LYS A 106 -4.60 -8.57 -19.87
N LYS A 107 -4.86 -7.43 -19.25
CA LYS A 107 -3.96 -6.31 -19.41
C LYS A 107 -3.83 -5.61 -18.08
N TRP A 108 -2.82 -4.76 -17.98
CA TRP A 108 -2.65 -3.91 -16.80
C TRP A 108 -3.46 -2.64 -16.92
N MET A 109 -4.23 -2.36 -15.87
CA MET A 109 -4.99 -1.15 -15.73
C MET A 109 -4.28 -0.30 -14.70
N THR A 110 -3.65 0.78 -15.11
CA THR A 110 -3.01 1.67 -14.15
C THR A 110 -3.81 2.94 -13.95
N VAL A 111 -3.67 3.54 -12.79
CA VAL A 111 -4.36 4.79 -12.50
C VAL A 111 -3.43 5.75 -11.79
N GLY A 112 -2.70 6.54 -12.55
CA GLY A 112 -1.85 7.55 -11.98
C GLY A 112 -2.57 8.88 -11.92
N VAL A 113 -2.18 9.70 -10.96
CA VAL A 113 -2.86 10.94 -10.70
C VAL A 113 -1.90 12.09 -10.78
N THR A 114 -2.32 13.13 -11.50
CA THR A 114 -1.51 14.32 -11.63
C THR A 114 -2.29 15.59 -11.91
N GLY A 115 -1.55 16.66 -12.07
CA GLY A 115 -2.13 17.96 -12.23
C GLY A 115 -1.85 18.82 -11.02
N PRO A 116 -2.54 19.96 -10.95
CA PRO A 116 -2.42 20.79 -9.77
C PRO A 116 -3.39 20.26 -8.74
N ASP A 117 -3.15 20.61 -7.48
CA ASP A 117 -3.93 20.05 -6.40
C ASP A 117 -5.36 20.52 -6.43
N SER A 118 -5.56 21.73 -6.93
CA SER A 118 -6.87 22.31 -7.06
C SER A 118 -7.72 21.52 -8.02
N LYS A 119 -7.15 21.09 -9.15
CA LYS A 119 -7.94 20.37 -10.15
C LYS A 119 -7.23 19.13 -10.71
N ALA A 120 -6.66 18.32 -9.83
CA ALA A 120 -5.90 17.15 -10.24
C ALA A 120 -6.63 16.16 -11.13
N VAL A 121 -5.88 15.48 -11.98
CA VAL A 121 -6.49 14.52 -12.88
C VAL A 121 -5.92 13.12 -12.69
N ALA A 122 -6.79 12.13 -12.78
CA ALA A 122 -6.38 10.74 -12.71
C ALA A 122 -6.71 10.04 -14.00
N VAL A 123 -5.69 9.52 -14.66
CA VAL A 123 -5.83 8.87 -15.94
C VAL A 123 -5.78 7.37 -15.78
N ILE A 124 -6.70 6.68 -16.45
CA ILE A 124 -6.72 5.24 -16.43
C ILE A 124 -6.15 4.68 -17.73
N HIS A 125 -4.92 4.19 -17.64
CA HIS A 125 -4.30 3.48 -18.75
C HIS A 125 -4.72 2.03 -18.69
N TYR A 126 -4.80 1.40 -19.85
CA TYR A 126 -5.14 0.00 -19.92
C TYR A 126 -4.57 -0.67 -21.17
N GLY A 127 -3.53 -1.46 -20.97
CA GLY A 127 -2.81 -2.03 -22.08
C GLY A 127 -1.69 -1.10 -22.46
N GLY A 128 -1.55 -0.04 -21.69
CA GLY A 128 -0.52 0.94 -21.91
C GLY A 128 -1.06 2.28 -22.35
N VAL A 129 -2.18 2.24 -23.05
CA VAL A 129 -2.83 3.46 -23.54
C VAL A 129 -3.91 3.95 -22.58
N PRO A 130 -3.94 5.26 -22.36
CA PRO A 130 -4.96 5.87 -21.51
C PRO A 130 -6.34 5.66 -22.07
N THR A 131 -7.26 5.27 -21.19
CA THR A 131 -8.56 4.78 -21.61
C THR A 131 -9.70 5.60 -21.00
N ASP A 132 -9.43 6.16 -19.83
CA ASP A 132 -10.44 6.94 -19.15
C ASP A 132 -9.81 7.83 -18.10
N VAL A 133 -10.62 8.72 -17.54
CA VAL A 133 -10.13 9.73 -16.62
C VAL A 133 -11.12 10.02 -15.51
N ILE A 134 -10.61 10.39 -14.34
CA ILE A 134 -11.43 10.86 -13.23
C ILE A 134 -10.90 12.21 -12.75
N ASN A 135 -11.75 13.22 -12.72
CA ASN A 135 -11.31 14.55 -12.31
C ASN A 135 -11.59 14.90 -10.85
N SER A 136 -10.81 15.84 -10.32
CA SER A 136 -10.92 16.27 -8.93
C SER A 136 -12.32 16.79 -8.61
N TRP A 137 -13.00 16.10 -7.71
CA TRP A 137 -14.38 16.44 -7.43
C TRP A 137 -14.53 17.41 -6.28
N ALA A 138 -13.51 17.54 -5.45
CA ALA A 138 -13.57 18.39 -4.27
C ALA A 138 -12.54 19.52 -4.29
N GLY A 139 -11.52 19.37 -5.12
CA GLY A 139 -10.51 20.39 -5.29
C GLY A 139 -9.45 20.48 -4.23
N ASP A 140 -9.21 19.36 -3.55
CA ASP A 140 -8.13 19.30 -2.60
C ASP A 140 -7.42 17.97 -2.74
N ILE A 141 -6.27 18.00 -3.42
CA ILE A 141 -5.34 16.87 -3.58
C ILE A 141 -5.89 15.47 -3.96
N LEU A 142 -6.46 15.34 -5.15
CA LEU A 142 -7.00 14.07 -5.59
C LEU A 142 -5.94 12.98 -5.48
N ARG A 143 -6.31 11.85 -4.86
CA ARG A 143 -5.34 10.79 -4.60
C ARG A 143 -5.98 9.41 -4.42
N THR A 144 -5.12 8.40 -4.44
CA THR A 144 -5.51 6.99 -4.38
C THR A 144 -4.51 6.12 -3.60
N GLN A 145 -4.75 4.80 -3.59
CA GLN A 145 -4.11 3.84 -2.67
C GLN A 145 -2.59 3.85 -2.44
N GLU A 146 -1.81 3.88 -3.51
CA GLU A 146 -0.37 3.72 -3.43
C GLU A 146 -0.04 2.25 -3.18
N SER A 147 -1.01 1.39 -3.48
CA SER A 147 -0.90 -0.03 -3.28
C SER A 147 -1.76 -0.65 -4.33
N SER A 148 -1.74 -1.96 -4.41
CA SER A 148 -2.43 -2.67 -5.46
C SER A 148 -3.92 -2.42 -5.41
N CYS A 149 -4.51 -2.32 -6.59
CA CYS A 149 -5.94 -2.30 -6.73
C CYS A 149 -6.38 -3.73 -6.96
N THR A 150 -7.67 -3.93 -7.16
CA THR A 150 -8.21 -5.26 -7.15
C THR A 150 -9.19 -5.47 -8.30
N CYS A 151 -8.93 -6.49 -9.08
CA CYS A 151 -9.86 -6.85 -10.12
C CYS A 151 -10.47 -8.18 -9.75
N ILE A 152 -11.77 -8.30 -9.90
CA ILE A 152 -12.45 -9.54 -9.65
C ILE A 152 -13.33 -9.80 -10.84
N GLN A 153 -13.06 -10.88 -11.56
CA GLN A 153 -13.86 -11.26 -12.73
C GLN A 153 -13.82 -10.23 -13.86
N GLY A 154 -12.75 -9.46 -13.93
CA GLY A 154 -12.59 -8.50 -15.00
C GLY A 154 -13.03 -7.09 -14.67
N ASP A 155 -13.55 -6.91 -13.45
CA ASP A 155 -13.96 -5.60 -12.98
C ASP A 155 -12.95 -5.21 -11.93
N CYS A 156 -12.40 -4.01 -12.05
CA CYS A 156 -11.36 -3.58 -11.14
C CYS A 156 -11.84 -2.46 -10.25
N TYR A 157 -11.63 -2.62 -8.94
CA TYR A 157 -12.17 -1.72 -7.95
C TYR A 157 -11.06 -1.02 -7.20
N TRP A 158 -11.27 0.25 -6.84
CA TRP A 158 -10.30 0.97 -6.04
C TRP A 158 -10.88 2.14 -5.27
N VAL A 159 -10.03 2.83 -4.51
CA VAL A 159 -10.49 3.82 -3.57
C VAL A 159 -9.72 5.12 -3.69
N MET A 160 -10.44 6.20 -3.88
CA MET A 160 -9.81 7.52 -3.99
C MET A 160 -10.27 8.47 -2.90
N THR A 161 -9.45 9.47 -2.63
CA THR A 161 -9.70 10.44 -1.59
C THR A 161 -9.52 11.87 -2.09
N ASP A 162 -10.61 12.61 -2.16
CA ASP A 162 -10.52 14.03 -2.41
C ASP A 162 -10.95 14.83 -1.18
N GLY A 163 -10.07 15.70 -0.73
CA GLY A 163 -10.34 16.50 0.44
C GLY A 163 -9.07 16.85 1.16
N PRO A 164 -9.19 17.27 2.42
CA PRO A 164 -8.02 17.53 3.27
C PRO A 164 -7.48 16.28 3.97
N ALA A 165 -6.25 16.40 4.47
CA ALA A 165 -5.52 15.29 5.05
C ALA A 165 -5.73 15.20 6.56
N ASN A 166 -5.87 16.36 7.19
CA ASN A 166 -6.10 16.43 8.63
C ASN A 166 -7.58 16.37 9.03
N ARG A 167 -8.37 17.29 8.48
CA ARG A 167 -9.79 17.35 8.79
C ARG A 167 -10.55 16.38 7.91
N GLN A 168 -11.87 16.37 8.03
CA GLN A 168 -12.72 15.51 7.23
C GLN A 168 -12.58 15.73 5.73
N ALA A 169 -12.39 14.63 5.00
CA ALA A 169 -12.27 14.67 3.57
C ALA A 169 -13.35 13.81 2.96
N GLN A 170 -13.29 13.63 1.66
CA GLN A 170 -14.26 12.79 0.96
C GLN A 170 -13.62 11.58 0.28
N TYR A 171 -14.33 10.46 0.30
CA TYR A 171 -13.78 9.19 -0.07
C TYR A 171 -14.72 8.50 -1.05
N ARG A 172 -14.16 7.92 -2.11
CA ARG A 172 -14.98 7.31 -3.15
C ARG A 172 -14.50 5.94 -3.58
N ILE A 173 -15.38 5.21 -4.26
CA ILE A 173 -15.07 3.90 -4.77
C ILE A 173 -15.36 3.82 -6.26
N TYR A 174 -14.35 3.48 -7.05
CA TYR A 174 -14.49 3.37 -8.50
C TYR A 174 -14.46 1.94 -9.01
N LYS A 175 -14.96 1.76 -10.22
CA LYS A 175 -15.09 0.43 -10.79
C LYS A 175 -14.88 0.47 -12.30
N ALA A 176 -14.02 -0.39 -12.81
CA ALA A 176 -13.71 -0.40 -14.23
C ALA A 176 -13.72 -1.78 -14.88
N ASN A 177 -14.10 -1.80 -16.15
CA ASN A 177 -13.90 -2.94 -17.02
C ASN A 177 -13.08 -2.45 -18.18
N GLN A 178 -11.98 -3.14 -18.48
CA GLN A 178 -11.11 -2.77 -19.58
C GLN A 178 -10.73 -1.31 -19.60
N GLY A 179 -10.46 -0.74 -18.42
CA GLY A 179 -9.95 0.60 -18.32
C GLY A 179 -11.00 1.66 -18.55
N ARG A 180 -12.24 1.23 -18.70
CA ARG A 180 -13.36 2.14 -18.87
C ARG A 180 -14.25 2.11 -17.64
N ILE A 181 -14.35 3.26 -16.96
CA ILE A 181 -15.11 3.40 -15.72
C ILE A 181 -16.59 3.05 -15.89
N ILE A 182 -17.04 2.07 -15.13
CA ILE A 182 -18.39 1.55 -15.29
C ILE A 182 -19.24 1.84 -14.06
N GLY A 183 -18.63 2.33 -13.00
CA GLY A 183 -19.34 2.61 -11.78
C GLY A 183 -18.59 3.50 -10.83
N GLN A 184 -19.31 4.08 -9.88
CA GLN A 184 -18.70 4.85 -8.82
C GLN A 184 -19.63 5.03 -7.61
N ALA A 185 -19.05 5.35 -6.46
CA ALA A 185 -19.80 5.43 -5.22
C ALA A 185 -19.13 6.29 -4.16
N ASP A 186 -19.94 7.06 -3.45
CA ASP A 186 -19.46 7.91 -2.36
C ASP A 186 -19.49 7.16 -1.04
N ILE A 187 -18.52 7.47 -0.18
CA ILE A 187 -18.36 6.79 1.12
C ILE A 187 -18.78 7.69 2.29
N SER A 188 -19.97 7.40 2.82
CA SER A 188 -20.65 8.17 3.86
C SER A 188 -20.22 7.66 5.21
N PHE A 189 -18.96 7.93 5.47
CA PHE A 189 -18.28 7.59 6.69
C PHE A 189 -17.95 8.93 7.29
N ASN A 190 -18.75 9.39 8.25
CA ASN A 190 -18.55 10.71 8.84
C ASN A 190 -17.71 10.69 10.11
N GLY A 191 -16.86 11.71 10.29
CA GLY A 191 -15.98 11.82 11.44
C GLY A 191 -14.69 11.06 11.24
N GLY A 192 -14.83 9.98 10.51
CA GLY A 192 -13.80 9.07 10.07
C GLY A 192 -12.94 9.64 8.97
N HIS A 193 -11.75 9.07 8.82
CA HIS A 193 -10.87 9.47 7.75
C HIS A 193 -10.24 8.25 7.07
N ILE A 194 -10.31 8.22 5.75
CA ILE A 194 -9.77 7.12 4.96
C ILE A 194 -8.67 7.57 4.02
N GLU A 195 -7.47 7.04 4.20
CA GLU A 195 -6.37 7.30 3.29
C GLU A 195 -5.68 6.02 2.91
N GLU A 196 -4.96 6.07 1.79
CA GLU A 196 -4.01 5.04 1.33
C GLU A 196 -4.37 3.59 1.63
N CYS A 197 -5.46 3.12 1.05
CA CYS A 197 -5.94 1.80 1.39
C CYS A 197 -5.15 0.63 0.83
N SER A 198 -4.98 -0.38 1.67
CA SER A 198 -4.39 -1.64 1.29
C SER A 198 -5.53 -2.63 1.20
N CYS A 199 -5.71 -3.20 0.03
CA CYS A 199 -6.93 -3.92 -0.27
C CYS A 199 -6.62 -5.31 -0.80
N TYR A 200 -7.64 -6.12 -1.00
CA TYR A 200 -7.45 -7.47 -1.50
C TYR A 200 -8.78 -8.16 -1.83
N PRO A 201 -8.72 -9.27 -2.58
CA PRO A 201 -9.93 -10.06 -2.81
C PRO A 201 -10.22 -11.09 -1.72
N ASN A 202 -11.45 -11.15 -1.27
CA ASN A 202 -11.85 -12.08 -0.22
C ASN A 202 -13.31 -12.50 -0.28
N ASP A 203 -13.54 -13.70 -0.79
CA ASP A 203 -14.88 -14.24 -0.94
C ASP A 203 -15.76 -13.38 -1.83
N GLY A 204 -15.21 -12.94 -2.96
CA GLY A 204 -15.98 -12.20 -3.93
C GLY A 204 -16.16 -10.73 -3.64
N LYS A 205 -15.53 -10.26 -2.57
CA LYS A 205 -15.66 -8.88 -2.18
C LYS A 205 -14.28 -8.30 -2.02
N VAL A 206 -14.22 -6.99 -1.88
CA VAL A 206 -12.94 -6.32 -1.75
C VAL A 206 -12.83 -5.74 -0.36
N GLU A 207 -11.83 -6.19 0.37
CA GLU A 207 -11.59 -5.67 1.70
C GLU A 207 -10.40 -4.76 1.60
N CYS A 208 -10.50 -3.59 2.18
CA CYS A 208 -9.42 -2.63 2.14
C CYS A 208 -9.11 -2.13 3.53
N VAL A 209 -7.82 -2.12 3.84
CA VAL A 209 -7.32 -1.56 5.09
C VAL A 209 -6.78 -0.19 4.75
N CYS A 210 -6.98 0.77 5.64
CA CYS A 210 -6.64 2.15 5.31
C CYS A 210 -5.91 2.89 6.44
N ARG A 211 -5.74 4.20 6.25
CA ARG A 211 -5.05 5.03 7.21
C ARG A 211 -5.87 6.26 7.63
N ASP A 212 -5.96 6.48 8.94
CA ASP A 212 -6.67 7.61 9.50
C ASP A 212 -5.69 8.71 9.87
N ASN A 213 -5.64 9.75 9.06
CA ASN A 213 -4.68 10.84 9.25
C ASN A 213 -5.32 11.97 10.03
N TRP A 214 -6.54 11.74 10.50
CA TRP A 214 -7.27 12.71 11.29
C TRP A 214 -7.08 12.43 12.77
N THR A 215 -7.87 11.50 13.30
CA THR A 215 -7.93 11.29 14.74
C THR A 215 -7.66 9.87 15.22
N GLY A 216 -7.39 8.95 14.30
CA GLY A 216 -7.29 7.54 14.62
C GLY A 216 -5.92 6.87 14.59
N THR A 217 -5.58 6.22 15.70
CA THR A 217 -4.39 5.39 15.78
C THR A 217 -4.78 3.97 15.48
N ASN A 218 -6.06 3.76 15.24
CA ASN A 218 -6.53 2.50 14.70
C ASN A 218 -6.89 2.70 13.24
N ARG A 219 -7.25 1.61 12.57
CA ARG A 219 -7.33 1.66 11.13
C ARG A 219 -8.72 1.42 10.57
N PRO A 220 -9.10 2.26 9.62
CA PRO A 220 -10.39 2.14 8.93
C PRO A 220 -10.42 0.85 8.13
N VAL A 221 -11.64 0.40 7.83
CA VAL A 221 -11.86 -0.85 7.12
C VAL A 221 -13.07 -0.70 6.21
N LEU A 222 -12.90 -1.08 4.95
CA LEU A 222 -13.99 -1.00 3.99
C LEU A 222 -14.26 -2.36 3.38
N VAL A 223 -15.52 -2.68 3.13
CA VAL A 223 -15.87 -3.95 2.52
C VAL A 223 -16.64 -3.69 1.25
N ILE A 224 -16.17 -4.18 0.10
CA ILE A 224 -16.84 -3.77 -1.11
C ILE A 224 -17.38 -4.95 -1.89
N SER A 225 -18.69 -5.00 -2.02
CA SER A 225 -19.34 -5.93 -2.91
C SER A 225 -19.33 -5.31 -4.30
N PRO A 226 -19.31 -6.15 -5.33
CA PRO A 226 -19.18 -5.73 -6.73
C PRO A 226 -20.36 -4.93 -7.29
N ASP A 227 -21.26 -4.49 -6.43
CA ASP A 227 -22.36 -3.62 -6.85
C ASP A 227 -22.15 -2.27 -6.18
N LEU A 228 -21.03 -2.17 -5.48
CA LEU A 228 -20.56 -0.97 -4.81
C LEU A 228 -21.30 -0.62 -3.53
N SER A 229 -22.10 -1.57 -3.05
CA SER A 229 -22.66 -1.50 -1.72
C SER A 229 -21.55 -1.75 -0.74
N TYR A 230 -21.57 -1.04 0.37
CA TYR A 230 -20.44 -1.06 1.25
C TYR A 230 -20.78 -1.05 2.73
N ARG A 231 -19.88 -1.64 3.50
CA ARG A 231 -19.89 -1.48 4.93
C ARG A 231 -18.51 -0.94 5.24
N VAL A 232 -18.44 -0.03 6.19
CA VAL A 232 -17.20 0.67 6.42
C VAL A 232 -17.05 0.82 7.92
N GLY A 233 -15.87 1.19 8.38
CA GLY A 233 -15.69 1.40 9.79
C GLY A 233 -14.25 1.32 10.21
N TYR A 234 -13.99 0.53 11.23
CA TYR A 234 -12.66 0.37 11.72
C TYR A 234 -12.37 -1.09 12.07
N LEU A 235 -11.10 -1.44 12.05
CA LEU A 235 -10.67 -2.78 12.40
C LEU A 235 -10.91 -2.94 13.89
N CYS A 236 -11.82 -3.84 14.24
CA CYS A 236 -12.36 -3.88 15.58
C CYS A 236 -11.31 -4.09 16.66
N ALA A 237 -10.18 -4.69 16.28
CA ALA A 237 -9.09 -5.05 17.17
C ALA A 237 -8.64 -4.01 18.17
N GLY A 238 -8.38 -4.46 19.39
CA GLY A 238 -7.95 -3.58 20.46
C GLY A 238 -6.50 -3.25 20.42
N ILE A 239 -5.90 -3.48 19.26
CA ILE A 239 -4.50 -3.18 19.03
C ILE A 239 -4.39 -2.06 18.02
N PRO A 240 -3.69 -0.99 18.40
CA PRO A 240 -3.48 0.12 17.48
C PRO A 240 -2.49 -0.20 16.36
N SER A 241 -2.98 -0.17 15.13
CA SER A 241 -2.20 -0.60 13.97
C SER A 241 -1.63 0.53 13.15
N ASP A 242 -1.87 1.76 13.57
CA ASP A 242 -1.43 2.94 12.84
C ASP A 242 -0.16 3.44 13.49
N THR A 243 0.44 4.48 12.93
CA THR A 243 1.61 5.08 13.56
C THR A 243 1.72 6.53 13.13
N PRO A 244 1.85 7.47 14.08
CA PRO A 244 1.97 7.33 15.54
C PRO A 244 0.75 6.76 16.24
N ARG A 245 1.01 6.12 17.36
CA ARG A 245 -0.02 5.50 18.16
C ARG A 245 0.43 5.49 19.60
N GLY A 246 -0.34 4.83 20.44
CA GLY A 246 0.04 4.71 21.83
C GLY A 246 0.21 3.28 22.24
N GLU A 247 0.27 3.05 23.54
CA GLU A 247 0.42 1.73 24.10
C GLU A 247 -0.82 0.91 23.79
N ASP A 248 -0.67 -0.42 23.78
CA ASP A 248 -1.76 -1.30 23.38
C ASP A 248 -2.76 -1.36 24.50
N ALA A 249 -2.27 -1.08 25.70
CA ALA A 249 -3.07 -1.21 26.90
C ALA A 249 -3.89 0.05 27.15
N GLN A 250 -3.31 1.20 26.82
CA GLN A 250 -4.06 2.45 26.83
C GLN A 250 -4.92 2.59 25.57
N PHE A 251 -5.32 1.46 25.02
CA PHE A 251 -6.12 1.46 23.82
C PHE A 251 -7.21 0.44 23.95
N THR A 252 -8.44 0.87 23.72
CA THR A 252 -9.56 -0.03 23.84
C THR A 252 -9.86 -0.66 22.50
N GLY A 253 -10.12 0.19 21.51
CA GLY A 253 -10.45 -0.25 20.19
C GLY A 253 -11.92 -0.18 19.87
N SER A 254 -12.23 -0.12 18.59
CA SER A 254 -13.59 0.01 18.15
C SER A 254 -13.74 -0.55 16.76
N CYS A 255 -14.91 -1.09 16.47
CA CYS A 255 -15.21 -1.64 15.16
C CYS A 255 -15.90 -0.59 14.30
N THR A 256 -16.26 0.53 14.91
CA THR A 256 -16.92 1.60 14.18
C THR A 256 -16.21 2.94 14.06
N SER A 257 -15.53 3.33 15.12
CA SER A 257 -15.06 4.70 15.25
C SER A 257 -13.58 4.83 15.55
N PRO A 258 -12.99 6.00 15.25
CA PRO A 258 -11.57 6.21 15.47
C PRO A 258 -11.18 6.35 16.93
N MET A 259 -10.15 5.61 17.32
CA MET A 259 -9.67 5.61 18.69
C MET A 259 -8.23 6.12 18.76
N GLY A 260 -7.76 6.41 19.96
CA GLY A 260 -6.43 6.93 20.14
C GLY A 260 -6.33 8.34 19.61
N ASN A 261 -6.32 9.32 20.50
CA ASN A 261 -6.35 10.72 20.10
C ASN A 261 -5.03 11.25 19.53
N GLN A 262 -4.49 10.54 18.55
CA GLN A 262 -3.32 11.03 17.84
C GLN A 262 -3.70 11.39 16.43
N GLY A 263 -2.97 12.33 15.86
CA GLY A 263 -3.11 12.63 14.46
C GLY A 263 -2.18 11.78 13.63
N TYR A 264 -2.01 12.18 12.38
CA TYR A 264 -1.08 11.54 11.46
C TYR A 264 -1.45 10.10 11.19
N GLY A 265 -0.54 9.39 10.56
CA GLY A 265 -0.77 8.03 10.17
C GLY A 265 0.43 7.52 9.43
N VAL A 266 0.25 6.36 8.81
CA VAL A 266 1.23 5.77 7.94
C VAL A 266 0.42 4.78 7.14
N LYS A 267 0.92 4.39 5.98
CA LYS A 267 0.20 3.41 5.20
C LYS A 267 0.45 2.05 5.80
N GLY A 268 -0.59 1.26 5.88
CA GLY A 268 -0.54 0.00 6.58
C GLY A 268 -1.52 -0.96 6.00
N PHE A 269 -1.37 -2.22 6.36
CA PHE A 269 -2.16 -3.28 5.76
C PHE A 269 -2.77 -4.15 6.83
N GLY A 270 -3.67 -5.02 6.42
CA GLY A 270 -4.24 -5.99 7.30
C GLY A 270 -4.77 -7.11 6.47
N PHE A 271 -4.97 -8.27 7.08
CA PHE A 271 -5.50 -9.42 6.39
C PHE A 271 -6.45 -10.18 7.27
N ARG A 272 -7.67 -10.34 6.78
CA ARG A 272 -8.70 -11.05 7.50
C ARG A 272 -8.82 -12.56 7.45
N GLN A 273 -8.31 -13.20 8.49
CA GLN A 273 -8.40 -14.63 8.64
C GLN A 273 -9.68 -15.08 9.29
N GLY A 274 -10.72 -15.26 8.49
CA GLY A 274 -12.02 -15.64 9.00
C GLY A 274 -12.60 -14.62 9.96
N THR A 275 -12.08 -14.62 11.19
CA THR A 275 -12.54 -13.69 12.22
C THR A 275 -11.32 -13.05 12.85
N ASP A 276 -10.16 -13.65 12.61
CA ASP A 276 -8.91 -13.12 13.14
C ASP A 276 -8.36 -12.11 12.17
N VAL A 277 -7.28 -11.44 12.55
CA VAL A 277 -6.63 -10.54 11.63
C VAL A 277 -5.11 -10.62 11.65
N TRP A 278 -4.51 -10.62 10.48
CA TRP A 278 -3.08 -10.39 10.38
C TRP A 278 -2.83 -8.91 10.18
N MET A 279 -2.48 -8.25 11.27
CA MET A 279 -2.25 -6.81 11.24
C MET A 279 -0.78 -6.51 11.29
N GLY A 280 -0.36 -5.52 10.52
CA GLY A 280 1.03 -5.13 10.49
C GLY A 280 1.23 -3.73 10.97
N ARG A 281 2.41 -3.45 11.51
CA ARG A 281 2.68 -2.16 12.06
C ARG A 281 4.16 -2.02 12.27
N THR A 282 4.60 -0.81 12.57
CA THR A 282 5.98 -0.59 12.90
C THR A 282 6.19 -1.00 14.34
N ILE A 283 7.45 -1.15 14.72
CA ILE A 283 7.78 -1.51 16.08
C ILE A 283 7.71 -0.27 16.93
N SER A 284 8.40 0.77 16.50
CA SER A 284 8.30 2.06 17.16
C SER A 284 6.91 2.56 16.97
N ARG A 285 6.39 3.17 18.03
CA ARG A 285 5.01 3.57 18.07
C ARG A 285 4.92 5.04 17.69
N THR A 286 6.08 5.67 17.53
CA THR A 286 6.16 7.07 17.24
C THR A 286 6.90 7.33 15.92
N SER A 287 7.85 6.48 15.60
CA SER A 287 8.60 6.59 14.37
C SER A 287 8.22 5.47 13.45
N ARG A 288 8.85 5.43 12.29
CA ARG A 288 8.51 4.43 11.29
C ARG A 288 9.51 3.29 11.31
N SER A 289 10.36 3.30 12.32
CA SER A 289 11.38 2.31 12.51
C SER A 289 10.82 0.93 12.83
N GLY A 290 11.45 -0.11 12.29
CA GLY A 290 11.04 -1.46 12.54
C GLY A 290 9.78 -1.85 11.80
N PHE A 291 9.49 -3.14 11.77
CA PHE A 291 8.22 -3.63 11.28
C PHE A 291 7.92 -5.00 11.87
N GLU A 292 6.66 -5.21 12.23
CA GLU A 292 6.24 -6.47 12.81
C GLU A 292 4.81 -6.74 12.39
N ILE A 293 4.38 -7.98 12.56
CA ILE A 293 3.04 -8.36 12.17
C ILE A 293 2.44 -9.38 13.12
N LEU A 294 1.22 -9.11 13.55
CA LEU A 294 0.59 -9.89 14.60
C LEU A 294 -0.75 -10.45 14.15
N ARG A 295 -0.98 -11.73 14.41
CA ARG A 295 -2.30 -12.29 14.24
C ARG A 295 -3.11 -12.12 15.53
N ILE A 296 -4.16 -11.32 15.46
CA ILE A 296 -4.99 -11.08 16.63
C ILE A 296 -6.28 -11.85 16.49
N LYS A 297 -6.56 -12.71 17.47
CA LYS A 297 -7.70 -13.61 17.36
C LYS A 297 -9.02 -12.86 17.45
N ASN A 298 -9.91 -13.20 16.54
CA ASN A 298 -11.20 -12.56 16.46
C ASN A 298 -11.11 -11.04 16.34
N GLY A 299 -10.00 -10.54 15.81
CA GLY A 299 -9.75 -9.12 15.75
C GLY A 299 -10.44 -8.40 14.60
N TRP A 300 -11.08 -9.16 13.72
CA TRP A 300 -11.77 -8.59 12.59
C TRP A 300 -13.21 -8.32 12.97
N THR A 301 -13.71 -9.10 13.92
CA THR A 301 -15.09 -9.02 14.30
C THR A 301 -15.27 -8.53 15.72
N GLN A 302 -14.22 -8.58 16.53
CA GLN A 302 -14.32 -8.16 17.92
C GLN A 302 -13.14 -7.31 18.37
N THR A 303 -13.39 -6.44 19.35
CA THR A 303 -12.34 -5.59 19.91
C THR A 303 -11.40 -6.44 20.75
N SER A 304 -10.70 -7.36 20.09
CA SER A 304 -9.83 -8.31 20.76
C SER A 304 -8.43 -7.80 20.97
N LYS A 305 -7.71 -8.46 21.86
CA LYS A 305 -6.31 -8.15 22.11
C LYS A 305 -5.49 -9.43 22.22
N GLU A 306 -6.02 -10.50 21.64
CA GLU A 306 -5.38 -11.81 21.72
C GLU A 306 -4.39 -12.05 20.58
N GLN A 307 -3.12 -11.80 20.85
CA GLN A 307 -2.06 -12.03 19.87
C GLN A 307 -1.77 -13.52 19.73
N VAL A 308 -2.17 -14.11 18.61
CA VAL A 308 -1.90 -15.52 18.37
C VAL A 308 -0.44 -15.72 18.00
N ARG A 309 0.05 -14.88 17.09
CA ARG A 309 1.46 -14.91 16.68
C ARG A 309 2.02 -13.50 16.54
N LYS A 310 3.32 -13.39 16.71
CA LYS A 310 4.02 -12.14 16.51
C LYS A 310 5.31 -12.42 15.75
N GLN A 311 5.31 -12.06 14.47
CA GLN A 311 6.47 -12.24 13.61
C GLN A 311 7.13 -10.92 13.29
N VAL A 312 8.45 -10.88 13.35
CA VAL A 312 9.18 -9.68 13.05
C VAL A 312 9.93 -9.79 11.73
N VAL A 313 9.79 -8.76 10.89
CA VAL A 313 10.50 -8.70 9.63
C VAL A 313 11.55 -7.59 9.57
N VAL A 314 11.25 -6.44 10.16
CA VAL A 314 12.21 -5.35 10.20
C VAL A 314 12.39 -4.98 11.64
N ASP A 315 13.64 -4.84 12.07
CA ASP A 315 13.92 -4.61 13.48
C ASP A 315 13.86 -3.14 13.80
N ASN A 316 13.68 -2.83 15.08
CA ASN A 316 13.50 -1.46 15.51
C ASN A 316 14.80 -0.72 15.51
N LEU A 317 15.85 -1.37 15.02
CA LEU A 317 17.11 -0.70 14.88
C LEU A 317 17.21 -0.14 13.50
N ASN A 318 16.23 -0.49 12.67
CA ASN A 318 16.24 -0.09 11.28
C ASN A 318 14.96 0.57 10.79
N TRP A 319 15.11 1.43 9.79
CA TRP A 319 14.04 2.24 9.24
C TRP A 319 13.09 1.48 8.33
N SER A 320 11.82 1.78 8.44
CA SER A 320 10.84 1.22 7.53
C SER A 320 9.94 2.32 6.98
N GLY A 321 8.67 2.00 6.78
CA GLY A 321 7.71 2.94 6.27
C GLY A 321 6.42 2.30 5.83
N TYR A 322 5.95 2.65 4.64
CA TYR A 322 4.67 2.18 4.12
C TYR A 322 4.61 0.67 3.97
N SER A 323 3.39 0.17 3.79
CA SER A 323 3.14 -1.24 3.69
C SER A 323 1.79 -1.44 3.07
N GLY A 324 1.63 -2.51 2.31
CA GLY A 324 0.41 -2.70 1.58
C GLY A 324 0.17 -4.12 1.14
N SER A 325 -1.02 -4.38 0.65
CA SER A 325 -1.46 -5.74 0.42
C SER A 325 -1.54 -6.12 -1.04
N PHE A 326 -1.66 -7.42 -1.28
CA PHE A 326 -1.92 -7.98 -2.60
C PHE A 326 -2.09 -9.49 -2.50
N THR A 327 -2.54 -10.10 -3.58
CA THR A 327 -2.71 -11.54 -3.61
C THR A 327 -1.88 -12.20 -4.70
N LEU A 328 -1.75 -13.52 -4.60
CA LEU A 328 -1.16 -14.34 -5.64
C LEU A 328 -2.27 -15.00 -6.39
N PRO A 329 -2.28 -14.88 -7.70
CA PRO A 329 -3.28 -15.57 -8.50
C PRO A 329 -3.20 -17.06 -8.35
N VAL A 330 -4.34 -17.71 -8.43
CA VAL A 330 -4.42 -19.16 -8.47
C VAL A 330 -3.59 -19.69 -9.62
N GLU A 331 -3.49 -18.88 -10.66
CA GLU A 331 -2.77 -19.25 -11.86
C GLU A 331 -1.27 -19.16 -11.65
N LEU A 332 -0.86 -18.89 -10.42
CA LEU A 332 0.55 -18.78 -10.09
C LEU A 332 0.95 -19.68 -8.94
N SER A 333 0.18 -19.67 -7.87
CA SER A 333 0.50 -20.38 -6.65
C SER A 333 0.05 -21.82 -6.69
N GLY A 334 -1.03 -22.08 -7.40
CA GLY A 334 -1.51 -23.45 -7.55
C GLY A 334 -2.54 -23.79 -6.52
N LYS A 335 -2.84 -22.84 -5.65
CA LYS A 335 -3.74 -23.10 -4.55
C LYS A 335 -5.20 -23.07 -4.98
N ASP A 336 -6.06 -23.17 -3.99
CA ASP A 336 -7.50 -23.07 -4.19
C ASP A 336 -7.95 -21.78 -3.57
N CYS A 337 -6.99 -21.06 -3.00
CA CYS A 337 -7.27 -19.82 -2.35
C CYS A 337 -6.31 -18.74 -2.80
N LEU A 338 -6.42 -17.57 -2.20
CA LEU A 338 -5.62 -16.45 -2.60
C LEU A 338 -4.59 -16.11 -1.55
N VAL A 339 -3.32 -16.33 -1.89
CA VAL A 339 -2.24 -16.19 -0.94
C VAL A 339 -1.97 -14.75 -0.57
N PRO A 340 -2.09 -14.46 0.72
CA PRO A 340 -1.86 -13.11 1.24
C PRO A 340 -0.38 -12.76 1.30
N CYS A 341 0.02 -11.78 0.50
CA CYS A 341 1.39 -11.35 0.43
C CYS A 341 1.44 -9.85 0.63
N PHE A 342 2.56 -9.34 1.12
CA PHE A 342 2.66 -7.92 1.42
C PHE A 342 4.07 -7.39 1.30
N TRP A 343 4.18 -6.08 1.14
CA TRP A 343 5.45 -5.41 1.00
C TRP A 343 5.63 -4.35 2.07
N VAL A 344 6.87 -4.10 2.45
CA VAL A 344 7.20 -3.05 3.38
C VAL A 344 8.24 -2.14 2.77
N GLU A 345 7.99 -0.85 2.83
CA GLU A 345 8.92 0.16 2.35
C GLU A 345 9.90 0.51 3.43
N MET A 346 11.15 0.70 3.05
CA MET A 346 12.16 1.07 4.01
C MET A 346 12.83 2.36 3.60
N ILE A 347 12.49 3.43 4.30
CA ILE A 347 12.91 4.76 3.92
C ILE A 347 14.26 5.15 4.48
N ARG A 348 15.10 5.69 3.62
CA ARG A 348 16.42 6.15 3.99
C ARG A 348 16.60 7.59 3.56
N GLY A 349 17.44 8.31 4.28
CA GLY A 349 17.76 9.68 3.92
C GLY A 349 16.98 10.71 4.72
N LYS A 350 16.52 11.74 4.02
CA LYS A 350 15.67 12.75 4.59
C LYS A 350 14.28 12.17 4.82
N PRO A 351 13.63 12.53 5.92
CA PRO A 351 13.98 13.55 6.92
C PRO A 351 14.84 13.10 8.10
N GLU A 352 15.12 11.81 8.21
CA GLU A 352 15.83 11.29 9.38
C GLU A 352 17.35 11.30 9.26
N GLU A 353 17.86 11.06 8.11
CA GLU A 353 19.29 10.90 7.95
C GLU A 353 20.00 12.13 7.36
N LYS A 354 21.28 12.22 7.51
CA LYS A 354 22.09 13.35 7.03
C LYS A 354 22.38 13.29 5.54
N THR A 355 21.33 13.29 4.71
CA THR A 355 21.48 13.28 3.27
C THR A 355 20.70 14.42 2.65
N ILE A 356 20.61 14.42 1.33
CA ILE A 356 19.83 15.42 0.61
C ILE A 356 18.71 14.81 -0.21
N TRP A 357 18.50 13.52 -0.05
CA TRP A 357 17.58 12.82 -0.92
C TRP A 357 16.67 11.93 -0.11
N THR A 358 15.68 11.35 -0.78
CA THR A 358 14.78 10.43 -0.12
C THR A 358 14.27 9.36 -1.07
N SER A 359 14.64 8.12 -0.76
CA SER A 359 14.23 6.97 -1.54
C SER A 359 13.84 5.85 -0.60
N SER A 360 13.59 4.68 -1.16
CA SER A 360 13.20 3.52 -0.35
C SER A 360 13.53 2.21 -1.04
N SER A 361 13.85 1.19 -0.25
CA SER A 361 13.91 -0.17 -0.77
C SER A 361 12.81 -0.98 -0.14
N SER A 362 12.59 -2.19 -0.66
CA SER A 362 11.51 -3.00 -0.15
C SER A 362 11.89 -4.46 0.12
N ILE A 363 11.04 -5.13 0.90
CA ILE A 363 11.08 -6.55 1.07
C ILE A 363 9.66 -7.01 0.90
N VAL A 364 9.47 -8.17 0.29
CA VAL A 364 8.13 -8.67 0.12
C VAL A 364 7.98 -10.00 0.82
N MET A 365 6.84 -10.20 1.45
CA MET A 365 6.58 -11.44 2.15
C MET A 365 5.22 -11.94 1.73
N CYS A 366 5.03 -13.25 1.80
CA CYS A 366 3.77 -13.84 1.40
C CYS A 366 3.41 -15.02 2.28
N GLY A 367 2.13 -15.40 2.21
CA GLY A 367 1.51 -16.27 3.20
C GLY A 367 1.76 -17.75 3.10
N VAL A 368 2.41 -18.29 4.13
CA VAL A 368 2.71 -19.71 4.18
C VAL A 368 1.96 -20.40 5.30
N ASP A 369 1.97 -21.73 5.27
CA ASP A 369 1.24 -22.51 6.25
C ASP A 369 2.16 -23.04 7.31
N TYR A 370 3.16 -22.26 7.64
CA TYR A 370 4.14 -22.64 8.62
C TYR A 370 4.53 -21.41 9.39
N GLU A 371 5.25 -21.59 10.49
CA GLU A 371 5.67 -20.47 11.32
C GLU A 371 7.06 -20.00 10.95
N ILE A 372 7.17 -18.76 10.48
CA ILE A 372 8.44 -18.20 10.05
C ILE A 372 9.15 -17.45 11.17
N ALA A 373 10.48 -17.54 11.18
CA ALA A 373 11.28 -16.95 12.24
C ALA A 373 11.45 -15.44 12.10
N ASP A 374 11.78 -14.80 13.21
CA ASP A 374 11.98 -13.38 13.27
C ASP A 374 13.39 -13.07 12.87
N TRP A 375 13.54 -12.33 11.79
CA TRP A 375 14.82 -11.82 11.39
C TRP A 375 14.62 -10.44 10.82
N SER A 376 15.71 -9.73 10.61
CA SER A 376 15.63 -8.44 9.97
C SER A 376 16.19 -8.44 8.57
N TRP A 377 15.30 -8.26 7.61
CA TRP A 377 15.69 -8.04 6.25
C TRP A 377 15.57 -6.56 5.97
N HIS A 378 16.59 -5.79 6.31
CA HIS A 378 16.50 -4.35 6.18
C HIS A 378 17.23 -3.82 4.97
N ASP A 379 17.17 -2.50 4.77
CA ASP A 379 17.65 -1.80 3.56
C ASP A 379 19.12 -2.00 3.15
N GLY A 380 20.05 -1.63 4.03
CA GLY A 380 21.45 -1.94 3.84
C GLY A 380 22.45 -0.83 3.54
N ALA A 381 22.05 0.13 2.72
CA ALA A 381 22.98 1.12 2.18
C ALA A 381 23.66 1.84 3.33
N ILE A 382 24.85 2.34 3.05
CA ILE A 382 25.64 3.01 4.08
C ILE A 382 25.69 4.49 3.80
N LEU A 383 24.83 5.23 4.48
CA LEU A 383 24.65 6.63 4.18
C LEU A 383 25.60 7.48 4.98
N PRO A 384 25.90 8.69 4.50
CA PRO A 384 25.47 9.32 3.24
C PRO A 384 26.29 8.83 2.04
N PHE A 385 25.72 8.93 0.85
CA PHE A 385 26.42 8.58 -0.36
C PHE A 385 27.41 9.68 -0.75
N ASP A 386 28.04 9.52 -1.91
CA ASP A 386 29.08 10.45 -2.35
C ASP A 386 28.49 11.79 -2.73
N ILE A 387 27.26 11.76 -3.23
CA ILE A 387 26.58 12.98 -3.66
C ILE A 387 26.37 13.92 -2.49
N ASP A 388 26.16 13.35 -1.31
CA ASP A 388 25.91 14.16 -0.14
C ASP A 388 27.23 14.59 0.49
CA CA B . -3.38 7.77 12.50
CAD 1SO C . 3.95 13.07 -4.20
CBB 1SO C . 4.79 11.93 -3.68
CAE 1SO C . 6.29 12.18 -3.77
OAI 1SO C . 4.44 10.79 -4.45
CAV 1SO C . 4.40 11.77 -2.23
CAK 1SO C . 3.40 11.09 -1.77
NAO 1SO C . 5.04 12.31 -1.23
NAP 1SO C . 4.50 12.00 -0.26
NBA 1SO C . 3.54 11.29 -0.49
CAX 1SO C . 2.69 10.77 0.58
CAZ 1SO C . 1.47 11.69 0.66
NAQ 1SO C . 0.69 11.61 -0.61
CAS 1SO C . 0.60 12.65 -1.48
OAF 1SO C . -0.03 12.64 -2.52
CAC 1SO C . 1.33 13.92 -1.09
CAJ 1SO C . 3.36 10.66 1.81
CAU 1SO C . 2.75 10.82 3.06
CAT 1SO C . 3.41 10.53 4.24
OAH 1SO C . 2.78 9.97 5.13
OAG 1SO C . 4.62 10.80 4.42
CAN 1SO C . 1.43 11.25 3.20
CAY 1SO C . 0.61 11.38 1.94
OAR 1SO C . -0.36 12.42 2.27
CAW 1SO C . -1.69 12.13 1.74
CAM 1SO C . -2.53 13.40 1.62
CAB 1SO C . -1.85 14.48 0.79
CAL 1SO C . -2.40 11.10 2.58
CAA 1SO C . -2.17 11.35 4.07
#